data_6ZQR
#
_entry.id   6ZQR
#
_cell.length_a   113.600
_cell.length_b   113.600
_cell.length_c   44.080
_cell.angle_alpha   90.000
_cell.angle_beta   90.000
_cell.angle_gamma   90.000
#
_symmetry.space_group_name_H-M   'P 4'
#
loop_
_entity.id
_entity.type
_entity.pdbx_description
1 polymer 'Fibrinogen C domain-containing protein 1'
2 branched alpha-L-fucopyranose-(1-3)-[2-acetamido-2-deoxy-beta-D-glucopyranose-(1-4)][alpha-L-fucopyranose-(1-6)]2-acetamido-2-deoxy-beta-D-glucopyranose
3 non-polymer 'CALCIUM ION'
4 non-polymer 'SULFATE ION'
5 non-polymer 'ACETIC ACID'
6 non-polymer 2-acetamido-2-deoxy-beta-D-glucopyranose
7 water water
#
_entity_poly.entity_id   1
_entity_poly.type   'polypeptide(L)'
_entity_poly.pdbx_seq_one_letter_code
;ATGSRPRDCLDVLLSGQQDDGVYSVFPTHYPAGFQVYCDMRTDGGGWTVFQRREDGSVNFFRGWDAYRDGFGRLTGEHWL
GLKRIHALTTQAAYELHVDLEDFENGTAYARYGSFGVGLFSVDPEEDGYPLTVADYSGTAGDSLLKHSGMRFTTKDRDSD
HSENNCAAFYRGAWWYRNCHTSNLNGQYLRGAHASYADGVEWSSWTGWQYSLKFSEMKIRPVREDR
;
_entity_poly.pdbx_strand_id   A,B
#
# COMPACT_ATOMS: atom_id res chain seq x y z
N SER A 4 -31.39 -47.16 12.92
CA SER A 4 -32.73 -47.06 13.60
C SER A 4 -32.77 -45.81 14.50
N ARG A 5 -31.96 -45.83 15.56
CA ARG A 5 -31.87 -44.74 16.58
C ARG A 5 -30.42 -44.37 16.79
N PRO A 6 -29.76 -43.72 15.81
CA PRO A 6 -28.42 -43.21 16.02
C PRO A 6 -28.42 -42.17 17.15
N ARG A 7 -27.39 -42.21 18.01
CA ARG A 7 -27.29 -41.29 19.18
C ARG A 7 -26.62 -39.97 18.77
N ASP A 8 -25.96 -39.94 17.61
CA ASP A 8 -25.21 -38.76 17.12
C ASP A 8 -24.85 -38.98 15.64
N CYS A 9 -24.18 -38.03 15.02
CA CYS A 9 -23.80 -38.07 13.58
C CYS A 9 -22.80 -39.20 13.32
N LEU A 10 -22.01 -39.62 14.30
CA LEU A 10 -21.07 -40.73 14.03
C LEU A 10 -21.87 -42.03 13.83
N ASP A 11 -22.89 -42.30 14.63
CA ASP A 11 -23.82 -43.45 14.43
C ASP A 11 -24.47 -43.32 13.05
N VAL A 12 -24.87 -42.11 12.64
CA VAL A 12 -25.52 -41.90 11.31
C VAL A 12 -24.50 -42.27 10.22
N LEU A 13 -23.26 -41.81 10.33
CA LEU A 13 -22.21 -42.12 9.33
C LEU A 13 -21.97 -43.63 9.30
N LEU A 14 -21.80 -44.27 10.46
CA LEU A 14 -21.40 -45.70 10.51
C LEU A 14 -22.57 -46.57 10.06
N SER A 15 -23.81 -46.07 10.10
CA SER A 15 -25.02 -46.73 9.57
C SER A 15 -25.06 -46.68 8.03
N GLY A 16 -24.21 -45.88 7.39
CA GLY A 16 -24.06 -45.90 5.91
C GLY A 16 -24.51 -44.62 5.23
N GLN A 17 -24.87 -43.58 5.99
CA GLN A 17 -25.21 -42.23 5.46
C GLN A 17 -23.91 -41.42 5.32
N GLN A 18 -23.42 -41.20 4.10
CA GLN A 18 -22.14 -40.51 3.85
C GLN A 18 -22.36 -39.02 3.51
N ASP A 19 -23.58 -38.58 3.22
CA ASP A 19 -23.80 -37.19 2.72
C ASP A 19 -23.91 -36.22 3.89
N ASP A 20 -23.26 -35.06 3.78
CA ASP A 20 -23.49 -33.88 4.65
C ASP A 20 -24.99 -33.57 4.66
N GLY A 21 -25.56 -33.21 5.82
CA GLY A 21 -26.96 -32.73 5.86
C GLY A 21 -27.61 -32.93 7.21
N VAL A 22 -28.92 -32.81 7.20
CA VAL A 22 -29.80 -32.83 8.41
C VAL A 22 -30.26 -34.26 8.67
N TYR A 23 -30.03 -34.77 9.87
CA TYR A 23 -30.46 -36.12 10.29
C TYR A 23 -31.06 -36.05 11.69
N SER A 24 -31.94 -37.01 11.96
CA SER A 24 -32.48 -37.33 13.31
C SER A 24 -31.44 -38.11 14.13
N VAL A 25 -31.18 -37.64 15.35
CA VAL A 25 -30.36 -38.36 16.36
C VAL A 25 -31.18 -38.44 17.65
N PHE A 26 -30.82 -39.36 18.53
CA PHE A 26 -31.62 -39.76 19.70
C PHE A 26 -30.67 -40.01 20.86
N PRO A 27 -30.25 -38.96 21.59
CA PRO A 27 -29.33 -39.14 22.71
C PRO A 27 -29.96 -39.96 23.85
N THR A 28 -29.11 -40.56 24.67
CA THR A 28 -29.49 -41.47 25.77
C THR A 28 -30.65 -40.87 26.59
N HIS A 29 -30.49 -39.62 27.04
CA HIS A 29 -31.41 -38.99 28.02
C HIS A 29 -32.29 -37.96 27.30
N TYR A 30 -32.39 -38.05 25.97
CA TYR A 30 -33.29 -37.19 25.16
C TYR A 30 -33.96 -38.07 24.10
N PRO A 31 -34.74 -39.09 24.53
CA PRO A 31 -35.19 -40.15 23.63
C PRO A 31 -36.19 -39.71 22.53
N ALA A 32 -36.85 -38.56 22.69
CA ALA A 32 -37.70 -37.96 21.63
C ALA A 32 -36.82 -37.66 20.41
N GLY A 33 -35.54 -37.34 20.66
CA GLY A 33 -34.57 -37.04 19.61
C GLY A 33 -34.78 -35.66 19.05
N PHE A 34 -33.92 -35.26 18.14
CA PHE A 34 -34.02 -33.97 17.44
C PHE A 34 -33.17 -34.08 16.19
N GLN A 35 -33.28 -33.08 15.34
CA GLN A 35 -32.50 -33.02 14.10
C GLN A 35 -31.26 -32.15 14.32
N VAL A 36 -30.19 -32.53 13.61
CA VAL A 36 -28.86 -31.87 13.67
C VAL A 36 -28.33 -31.85 12.25
N TYR A 37 -27.39 -30.96 12.00
CA TYR A 37 -26.55 -30.98 10.79
C TYR A 37 -25.32 -31.85 11.08
N CYS A 38 -25.13 -32.85 10.23
CA CYS A 38 -23.98 -33.79 10.27
C CYS A 38 -22.94 -33.37 9.24
N ASP A 39 -21.72 -33.18 9.68
CA ASP A 39 -20.51 -32.99 8.82
C ASP A 39 -19.89 -34.37 8.58
N MET A 40 -20.09 -34.94 7.39
CA MET A 40 -19.59 -36.31 7.05
C MET A 40 -18.25 -36.25 6.29
N ARG A 41 -17.55 -35.10 6.26
CA ARG A 41 -16.29 -34.92 5.46
C ARG A 41 -15.08 -34.74 6.38
N THR A 42 -15.16 -33.89 7.42
CA THR A 42 -14.01 -33.47 8.24
C THR A 42 -13.35 -34.67 8.93
N ASP A 43 -12.07 -34.93 8.62
CA ASP A 43 -11.22 -35.96 9.25
C ASP A 43 -11.98 -37.29 9.30
N GLY A 44 -12.65 -37.67 8.22
CA GLY A 44 -13.35 -38.96 8.08
C GLY A 44 -14.84 -38.86 8.39
N GLY A 45 -15.28 -37.75 9.00
CA GLY A 45 -16.71 -37.43 9.10
C GLY A 45 -17.30 -37.91 10.41
N GLY A 46 -18.61 -37.66 10.57
CA GLY A 46 -19.37 -38.08 11.76
C GLY A 46 -19.41 -37.00 12.83
N TRP A 47 -19.26 -35.72 12.46
CA TRP A 47 -19.31 -34.58 13.41
C TRP A 47 -20.75 -34.07 13.54
N THR A 48 -21.24 -33.89 14.76
CA THR A 48 -22.53 -33.23 15.06
C THR A 48 -22.29 -31.72 15.26
N VAL A 49 -22.84 -30.90 14.39
CA VAL A 49 -22.70 -29.42 14.44
C VAL A 49 -23.60 -28.91 15.58
N PHE A 50 -23.13 -27.98 16.41
CA PHE A 50 -24.01 -27.27 17.39
C PHE A 50 -23.92 -25.76 17.24
N GLN A 51 -23.05 -25.24 16.37
CA GLN A 51 -22.97 -23.78 16.16
C GLN A 51 -22.47 -23.53 14.74
N ARG A 52 -23.07 -22.58 14.05
CA ARG A 52 -22.57 -22.06 12.77
C ARG A 52 -22.83 -20.56 12.67
N ARG A 53 -21.80 -19.83 12.25
CA ARG A 53 -21.87 -18.44 11.73
C ARG A 53 -21.36 -18.47 10.28
N GLU A 54 -21.99 -17.72 9.38
CA GLU A 54 -21.54 -17.69 7.96
C GLU A 54 -21.94 -16.40 7.23
N ASP A 55 -22.87 -15.57 7.74
CA ASP A 55 -23.35 -14.41 6.96
C ASP A 55 -24.02 -13.33 7.82
N GLY A 56 -24.21 -13.52 9.14
CA GLY A 56 -24.80 -12.50 10.02
C GLY A 56 -26.28 -12.33 9.80
N SER A 57 -26.95 -13.34 9.22
CA SER A 57 -28.41 -13.33 8.95
C SER A 57 -29.20 -13.58 10.25
N VAL A 58 -28.61 -14.23 11.26
CA VAL A 58 -29.32 -14.59 12.52
C VAL A 58 -28.73 -13.78 13.68
N ASN A 59 -29.59 -13.20 14.51
CA ASN A 59 -29.18 -12.50 15.75
C ASN A 59 -28.70 -13.55 16.76
N PHE A 60 -27.45 -13.47 17.19
CA PHE A 60 -26.86 -14.30 18.26
C PHE A 60 -26.86 -13.57 19.60
N PHE A 61 -27.26 -12.29 19.65
CA PHE A 61 -27.29 -11.54 20.93
C PHE A 61 -28.62 -11.83 21.64
N ARG A 62 -28.77 -13.09 22.05
CA ARG A 62 -30.01 -13.66 22.62
C ARG A 62 -29.83 -13.96 24.10
N GLY A 63 -30.93 -14.11 24.82
CA GLY A 63 -30.90 -14.39 26.26
C GLY A 63 -30.80 -15.87 26.58
N TRP A 64 -30.89 -16.15 27.87
CA TRP A 64 -30.70 -17.48 28.48
C TRP A 64 -31.62 -18.51 27.82
N ASP A 65 -32.89 -18.20 27.67
CA ASP A 65 -33.91 -19.15 27.15
C ASP A 65 -33.51 -19.56 25.72
N ALA A 66 -33.11 -18.62 24.86
CA ALA A 66 -32.74 -18.94 23.47
C ALA A 66 -31.46 -19.79 23.43
N TYR A 67 -30.49 -19.54 24.30
CA TYR A 67 -29.22 -20.32 24.35
C TYR A 67 -29.49 -21.73 24.89
N ARG A 68 -30.43 -21.87 25.82
CA ARG A 68 -30.86 -23.17 26.36
C ARG A 68 -31.58 -23.96 25.27
N ASP A 69 -32.53 -23.31 24.57
CA ASP A 69 -33.51 -24.00 23.70
C ASP A 69 -33.01 -24.09 22.26
N GLY A 70 -32.10 -23.21 21.85
CA GLY A 70 -31.58 -23.17 20.47
C GLY A 70 -32.34 -22.19 19.59
N PHE A 71 -31.73 -21.76 18.48
CA PHE A 71 -32.31 -20.77 17.54
C PHE A 71 -31.59 -20.89 16.19
N GLY A 72 -32.15 -20.22 15.20
CA GLY A 72 -31.66 -20.28 13.81
C GLY A 72 -32.11 -21.56 13.12
N ARG A 73 -31.46 -21.87 12.00
CA ARG A 73 -31.83 -22.99 11.12
C ARG A 73 -30.62 -23.90 10.88
N LEU A 74 -30.88 -25.21 10.83
CA LEU A 74 -29.84 -26.26 10.77
C LEU A 74 -29.02 -26.11 9.49
N THR A 75 -29.64 -25.63 8.42
CA THR A 75 -29.03 -25.46 7.08
C THR A 75 -28.27 -24.14 6.99
N GLY A 76 -28.30 -23.31 8.03
CA GLY A 76 -27.66 -21.98 8.02
C GLY A 76 -27.03 -21.66 9.35
N GLU A 77 -27.12 -20.39 9.76
CA GLU A 77 -26.60 -19.95 11.06
C GLU A 77 -27.52 -20.52 12.13
N HIS A 78 -26.95 -21.08 13.19
CA HIS A 78 -27.75 -21.62 14.30
C HIS A 78 -26.89 -21.90 15.51
N TRP A 79 -27.60 -22.09 16.62
CA TRP A 79 -27.10 -22.57 17.92
C TRP A 79 -28.07 -23.66 18.33
N LEU A 80 -27.58 -24.88 18.51
CA LEU A 80 -28.42 -26.09 18.65
C LEU A 80 -29.17 -26.03 19.98
N GLY A 81 -28.62 -25.34 20.99
CA GLY A 81 -29.25 -25.27 22.31
C GLY A 81 -28.44 -26.05 23.32
N LEU A 82 -28.14 -25.41 24.45
CA LEU A 82 -27.30 -26.03 25.50
C LEU A 82 -27.99 -27.28 26.05
N LYS A 83 -29.31 -27.39 26.02
CA LYS A 83 -30.00 -28.59 26.56
C LYS A 83 -29.71 -29.78 25.63
N ARG A 84 -29.58 -29.54 24.32
CA ARG A 84 -29.21 -30.59 23.33
C ARG A 84 -27.71 -30.91 23.43
N ILE A 85 -26.86 -29.91 23.59
CA ILE A 85 -25.39 -30.10 23.67
C ILE A 85 -25.04 -30.89 24.94
N HIS A 86 -25.70 -30.58 26.06
CA HIS A 86 -25.64 -31.38 27.32
C HIS A 86 -26.05 -32.84 27.03
N ALA A 87 -27.19 -33.06 26.36
CA ALA A 87 -27.74 -34.42 26.10
C ALA A 87 -26.75 -35.22 25.26
N LEU A 88 -26.09 -34.57 24.29
CA LEU A 88 -25.07 -35.23 23.45
C LEU A 88 -23.79 -35.49 24.27
N THR A 89 -23.24 -34.50 24.97
CA THR A 89 -21.87 -34.60 25.52
C THR A 89 -21.84 -35.45 26.80
N THR A 90 -22.98 -35.76 27.41
CA THR A 90 -23.03 -36.62 28.63
C THR A 90 -23.17 -38.10 28.27
N GLN A 91 -23.49 -38.44 27.02
CA GLN A 91 -23.80 -39.83 26.63
C GLN A 91 -22.52 -40.59 26.25
N ALA A 92 -21.42 -39.89 25.96
CA ALA A 92 -20.10 -40.49 25.63
C ALA A 92 -18.99 -39.45 25.81
N ALA A 93 -17.73 -39.82 25.60
CA ALA A 93 -16.58 -38.91 25.65
C ALA A 93 -16.41 -38.28 24.27
N TYR A 94 -16.61 -36.97 24.16
CA TYR A 94 -16.61 -36.27 22.84
C TYR A 94 -15.39 -35.37 22.73
N GLU A 95 -14.89 -35.25 21.51
CA GLU A 95 -13.93 -34.20 21.08
C GLU A 95 -14.70 -33.08 20.39
N LEU A 96 -14.15 -31.87 20.45
CA LEU A 96 -14.68 -30.66 19.79
C LEU A 96 -13.75 -30.28 18.62
N HIS A 97 -14.34 -30.03 17.46
CA HIS A 97 -13.68 -29.43 16.27
C HIS A 97 -14.27 -28.03 16.03
N VAL A 98 -13.40 -27.03 15.91
CA VAL A 98 -13.80 -25.65 15.55
C VAL A 98 -13.18 -25.32 14.20
N ASP A 99 -13.99 -25.14 13.17
CA ASP A 99 -13.56 -24.61 11.85
C ASP A 99 -13.80 -23.10 11.83
N LEU A 100 -12.83 -22.35 11.30
CA LEU A 100 -12.86 -20.87 11.21
C LEU A 100 -12.44 -20.43 9.80
N GLU A 101 -13.03 -19.34 9.31
CA GLU A 101 -12.70 -18.71 8.01
C GLU A 101 -12.71 -17.20 8.18
N ASP A 102 -11.74 -16.49 7.57
CA ASP A 102 -11.71 -15.02 7.51
C ASP A 102 -12.39 -14.57 6.22
N PHE A 103 -12.45 -13.26 5.99
CA PHE A 103 -13.21 -12.66 4.85
C PHE A 103 -12.43 -12.79 3.53
N GLU A 104 -11.18 -13.26 3.59
CA GLU A 104 -10.34 -13.59 2.39
C GLU A 104 -10.42 -15.09 2.08
N ASN A 105 -11.32 -15.84 2.73
CA ASN A 105 -11.47 -17.31 2.57
C ASN A 105 -10.23 -18.05 3.10
N GLY A 106 -9.36 -17.40 3.87
CA GLY A 106 -8.37 -18.08 4.73
C GLY A 106 -9.06 -18.93 5.79
N THR A 107 -8.49 -20.09 6.18
CA THR A 107 -9.14 -21.05 7.10
C THR A 107 -8.13 -21.54 8.16
N ALA A 108 -8.64 -21.93 9.33
CA ALA A 108 -7.87 -22.57 10.41
C ALA A 108 -8.83 -23.43 11.22
N TYR A 109 -8.31 -24.29 12.07
CA TYR A 109 -9.14 -25.16 12.93
C TYR A 109 -8.48 -25.28 14.28
N ALA A 110 -9.30 -25.57 15.29
CA ALA A 110 -8.84 -25.94 16.64
C ALA A 110 -9.57 -27.22 17.01
N ARG A 111 -8.83 -28.20 17.51
CA ARG A 111 -9.35 -29.52 17.96
C ARG A 111 -9.09 -29.62 19.45
N TYR A 112 -10.09 -30.10 20.20
CA TYR A 112 -9.99 -30.39 21.65
C TYR A 112 -10.42 -31.84 21.88
N GLY A 113 -9.51 -32.66 22.44
CA GLY A 113 -9.70 -34.10 22.63
C GLY A 113 -10.73 -34.39 23.69
N SER A 114 -11.07 -33.39 24.51
CA SER A 114 -12.13 -33.50 25.53
C SER A 114 -13.04 -32.26 25.48
N PHE A 115 -14.36 -32.49 25.43
CA PHE A 115 -15.38 -31.41 25.45
C PHE A 115 -16.71 -31.91 26.03
N GLY A 116 -17.32 -31.10 26.90
CA GLY A 116 -18.67 -31.33 27.41
C GLY A 116 -19.26 -30.10 28.08
N VAL A 117 -20.58 -30.09 28.29
CA VAL A 117 -21.27 -28.99 29.02
C VAL A 117 -22.15 -29.62 30.10
N GLY A 118 -22.09 -29.07 31.31
CA GLY A 118 -22.78 -29.55 32.53
C GLY A 118 -22.61 -31.05 32.75
N LEU A 119 -21.40 -31.59 32.57
CA LEU A 119 -21.17 -33.06 32.52
C LEU A 119 -21.66 -33.74 33.81
N PHE A 120 -21.45 -33.18 34.99
CA PHE A 120 -21.85 -33.88 36.25
C PHE A 120 -22.92 -33.09 37.00
N SER A 121 -23.48 -32.05 36.36
CA SER A 121 -24.50 -31.17 36.95
C SER A 121 -25.80 -31.97 37.13
N VAL A 122 -26.38 -31.95 38.32
CA VAL A 122 -27.72 -32.58 38.58
C VAL A 122 -28.77 -31.79 37.81
N ASP A 123 -28.71 -30.47 37.88
CA ASP A 123 -29.58 -29.56 37.08
C ASP A 123 -28.64 -28.75 36.20
N PRO A 124 -28.29 -29.21 34.98
CA PRO A 124 -27.30 -28.52 34.16
C PRO A 124 -27.69 -27.06 33.87
N GLU A 125 -28.98 -26.76 33.74
CA GLU A 125 -29.45 -25.38 33.49
C GLU A 125 -29.11 -24.47 34.69
N GLU A 126 -29.53 -24.87 35.90
CA GLU A 126 -29.26 -24.07 37.12
C GLU A 126 -27.75 -23.93 37.33
N ASP A 127 -27.01 -25.00 37.11
CA ASP A 127 -25.52 -25.04 37.25
C ASP A 127 -24.86 -24.20 36.15
N GLY A 128 -25.61 -23.72 35.16
CA GLY A 128 -25.09 -22.85 34.09
C GLY A 128 -24.26 -23.56 33.03
N TYR A 129 -24.55 -24.84 32.73
CA TYR A 129 -23.94 -25.62 31.61
C TYR A 129 -22.43 -25.39 31.55
N PRO A 130 -21.70 -25.63 32.67
CA PRO A 130 -20.27 -25.35 32.74
C PRO A 130 -19.46 -26.17 31.71
N LEU A 131 -18.44 -25.53 31.14
CA LEU A 131 -17.59 -26.10 30.06
C LEU A 131 -16.54 -27.04 30.66
N THR A 132 -16.42 -28.23 30.08
CA THR A 132 -15.22 -29.10 30.14
C THR A 132 -14.56 -29.02 28.76
N VAL A 133 -13.29 -28.67 28.72
CA VAL A 133 -12.48 -28.67 27.47
C VAL A 133 -11.00 -28.93 27.82
N ALA A 134 -10.32 -29.76 27.02
CA ALA A 134 -8.89 -30.10 27.21
C ALA A 134 -8.27 -30.54 25.88
N ASP A 135 -6.93 -30.60 25.87
CA ASP A 135 -6.12 -31.33 24.85
C ASP A 135 -6.29 -30.67 23.48
N TYR A 136 -5.71 -29.47 23.33
CA TYR A 136 -5.73 -28.66 22.09
C TYR A 136 -4.72 -29.21 21.08
N SER A 137 -5.11 -29.20 19.81
CA SER A 137 -4.19 -29.28 18.65
C SER A 137 -4.87 -28.53 17.50
N GLY A 138 -4.10 -28.05 16.53
CA GLY A 138 -4.66 -27.43 15.32
C GLY A 138 -3.81 -26.27 14.82
N THR A 139 -4.42 -25.44 13.96
CA THR A 139 -3.76 -24.34 13.25
C THR A 139 -4.25 -22.97 13.74
N ALA A 140 -5.42 -22.87 14.39
CA ALA A 140 -6.02 -21.58 14.80
C ALA A 140 -5.38 -21.08 16.10
N GLY A 141 -4.61 -21.93 16.79
CA GLY A 141 -4.15 -21.69 18.16
C GLY A 141 -5.27 -21.96 19.15
N ASP A 142 -4.94 -22.00 20.44
CA ASP A 142 -5.91 -22.28 21.52
C ASP A 142 -6.55 -20.96 21.97
N SER A 143 -7.87 -20.81 21.82
CA SER A 143 -8.64 -19.68 22.39
C SER A 143 -9.77 -20.19 23.30
N LEU A 144 -9.72 -21.44 23.78
CA LEU A 144 -10.81 -22.02 24.61
C LEU A 144 -10.34 -22.58 25.96
N LEU A 145 -9.11 -23.08 26.11
CA LEU A 145 -8.70 -23.77 27.37
C LEU A 145 -8.90 -22.85 28.57
N LYS A 146 -8.64 -21.56 28.45
CA LYS A 146 -8.79 -20.56 29.54
C LYS A 146 -10.25 -20.46 30.00
N HIS A 147 -11.22 -20.91 29.19
CA HIS A 147 -12.67 -20.93 29.53
C HIS A 147 -13.08 -22.21 30.29
N SER A 148 -12.20 -23.20 30.39
CA SER A 148 -12.54 -24.49 31.07
C SER A 148 -13.02 -24.21 32.50
N GLY A 149 -14.11 -24.86 32.90
CA GLY A 149 -14.71 -24.73 34.24
C GLY A 149 -15.69 -23.57 34.33
N MET A 150 -15.71 -22.66 33.35
CA MET A 150 -16.61 -21.48 33.40
C MET A 150 -18.05 -21.90 33.06
N ARG A 151 -19.00 -21.29 33.75
CA ARG A 151 -20.45 -21.39 33.44
C ARG A 151 -20.77 -20.58 32.20
N PHE A 152 -21.91 -20.85 31.57
CA PHE A 152 -22.40 -20.09 30.39
C PHE A 152 -23.10 -18.83 30.87
N THR A 153 -22.71 -17.70 30.29
CA THR A 153 -23.26 -16.35 30.64
C THR A 153 -23.93 -15.73 29.41
N THR A 154 -25.15 -15.23 29.63
CA THR A 154 -25.93 -14.45 28.65
C THR A 154 -26.17 -13.03 29.21
N LYS A 155 -26.66 -12.14 28.37
CA LYS A 155 -26.94 -10.72 28.72
C LYS A 155 -27.93 -10.62 29.89
N ASP A 156 -28.76 -11.65 30.10
CA ASP A 156 -29.82 -11.68 31.15
C ASP A 156 -29.50 -12.71 32.23
N ARG A 157 -28.33 -13.36 32.22
CA ARG A 157 -27.93 -14.34 33.26
C ARG A 157 -26.40 -14.36 33.43
N ASP A 158 -25.90 -13.65 34.43
CA ASP A 158 -24.47 -13.42 34.72
C ASP A 158 -23.92 -14.48 35.68
N SER A 159 -23.01 -15.35 35.20
CA SER A 159 -22.26 -16.33 36.04
C SER A 159 -20.76 -16.24 35.78
N ASP A 160 -20.26 -15.06 35.36
CA ASP A 160 -18.87 -14.88 34.89
C ASP A 160 -18.00 -14.43 36.07
N HIS A 161 -16.70 -14.18 35.83
CA HIS A 161 -15.72 -13.74 36.86
C HIS A 161 -15.42 -12.24 36.72
N SER A 162 -16.31 -11.49 36.06
CA SER A 162 -16.21 -10.02 35.91
C SER A 162 -17.14 -9.35 36.93
N GLU A 163 -16.79 -8.13 37.35
CA GLU A 163 -17.69 -7.22 38.10
C GLU A 163 -18.80 -6.76 37.14
N ASN A 164 -18.56 -6.82 35.83
CA ASN A 164 -19.57 -6.53 34.77
C ASN A 164 -20.20 -7.85 34.27
N ASN A 165 -21.18 -7.74 33.37
CA ASN A 165 -21.72 -8.87 32.56
C ASN A 165 -20.93 -8.91 31.25
N CYS A 166 -20.02 -9.88 31.12
CA CYS A 166 -19.15 -10.11 29.93
C CYS A 166 -20.00 -10.24 28.65
N ALA A 167 -21.20 -10.84 28.75
CA ALA A 167 -22.09 -11.09 27.59
C ALA A 167 -22.64 -9.75 27.07
N ALA A 168 -23.14 -8.89 27.96
CA ALA A 168 -23.58 -7.53 27.60
C ALA A 168 -22.40 -6.76 27.00
N PHE A 169 -21.27 -6.81 27.68
CA PHE A 169 -20.07 -6.00 27.35
C PHE A 169 -19.51 -6.42 25.99
N TYR A 170 -19.31 -7.73 25.74
CA TYR A 170 -18.72 -8.22 24.47
C TYR A 170 -19.80 -8.71 23.48
N ARG A 171 -21.07 -8.36 23.74
CA ARG A 171 -22.23 -8.55 22.81
C ARG A 171 -22.26 -9.98 22.29
N GLY A 172 -22.23 -10.95 23.20
CA GLY A 172 -22.31 -12.38 22.83
C GLY A 172 -22.88 -13.20 23.96
N ALA A 173 -22.48 -14.45 24.03
CA ALA A 173 -23.00 -15.47 24.94
C ALA A 173 -21.96 -16.58 24.92
N TRP A 174 -21.37 -16.88 26.08
CA TRP A 174 -20.15 -17.73 26.13
C TRP A 174 -19.90 -18.15 27.56
N TRP A 175 -18.97 -19.11 27.70
CA TRP A 175 -18.42 -19.54 29.00
C TRP A 175 -17.39 -18.52 29.49
N TYR A 176 -17.85 -17.29 29.75
CA TYR A 176 -16.98 -16.12 30.02
C TYR A 176 -16.27 -16.26 31.37
N ARG A 177 -14.99 -15.85 31.40
CA ARG A 177 -14.22 -15.71 32.66
C ARG A 177 -14.17 -14.22 33.00
N ASN A 178 -13.12 -13.53 32.54
CA ASN A 178 -12.92 -12.08 32.78
C ASN A 178 -12.02 -11.52 31.67
N CYS A 179 -12.51 -11.54 30.41
CA CYS A 179 -13.81 -12.06 30.01
C CYS A 179 -13.63 -13.24 29.04
N HIS A 180 -12.83 -13.09 27.97
CA HIS A 180 -12.66 -14.16 26.94
C HIS A 180 -11.34 -14.07 26.16
N THR A 181 -10.95 -15.21 25.59
CA THR A 181 -10.00 -15.35 24.46
C THR A 181 -10.75 -15.74 23.18
N SER A 182 -12.00 -16.21 23.28
CA SER A 182 -12.86 -16.57 22.11
C SER A 182 -14.27 -16.03 22.33
N ASN A 183 -14.99 -15.73 21.25
CA ASN A 183 -16.31 -15.07 21.33
C ASN A 183 -17.13 -15.42 20.09
N LEU A 184 -17.25 -16.71 19.76
CA LEU A 184 -17.84 -17.13 18.47
C LEU A 184 -19.34 -16.82 18.39
N ASN A 185 -19.98 -16.40 19.48
CA ASN A 185 -21.43 -16.03 19.48
C ASN A 185 -21.56 -14.50 19.50
N GLY A 186 -20.46 -13.80 19.17
CA GLY A 186 -20.40 -12.34 19.12
C GLY A 186 -21.12 -11.74 17.92
N GLN A 187 -21.13 -10.42 17.83
CA GLN A 187 -21.82 -9.68 16.76
C GLN A 187 -21.10 -9.98 15.44
N TYR A 188 -21.84 -10.04 14.34
CA TYR A 188 -21.28 -10.32 13.00
C TYR A 188 -20.79 -8.98 12.45
N LEU A 189 -19.56 -8.56 12.80
CA LEU A 189 -19.07 -7.19 12.51
C LEU A 189 -18.31 -7.13 11.17
N ARG A 190 -18.07 -8.28 10.52
CA ARG A 190 -17.51 -8.34 9.12
C ARG A 190 -16.07 -7.82 9.09
N GLY A 191 -15.14 -8.61 9.63
CA GLY A 191 -13.69 -8.36 9.53
C GLY A 191 -13.19 -7.38 10.58
N ALA A 192 -12.20 -6.57 10.22
CA ALA A 192 -11.51 -5.62 11.13
C ALA A 192 -12.55 -4.61 11.65
N HIS A 193 -12.51 -4.38 12.97
CA HIS A 193 -13.43 -3.45 13.69
C HIS A 193 -12.62 -2.71 14.76
N ALA A 194 -13.04 -1.48 15.06
CA ALA A 194 -12.39 -0.57 16.02
C ALA A 194 -12.76 -0.99 17.44
N SER A 195 -14.02 -1.35 17.66
CA SER A 195 -14.57 -1.83 18.96
C SER A 195 -13.75 -3.03 19.47
N TYR A 196 -13.60 -3.19 20.78
CA TYR A 196 -12.67 -4.19 21.37
C TYR A 196 -13.43 -5.49 21.65
N ALA A 197 -13.08 -6.55 20.89
CA ALA A 197 -13.35 -7.98 21.21
C ALA A 197 -14.85 -8.29 21.27
N ASP A 198 -15.70 -7.62 20.49
CA ASP A 198 -17.18 -7.76 20.56
C ASP A 198 -17.74 -8.33 19.26
N GLY A 199 -16.88 -8.89 18.39
CA GLY A 199 -17.30 -9.59 17.18
C GLY A 199 -17.16 -11.09 17.33
N VAL A 200 -17.17 -11.82 16.22
CA VAL A 200 -16.94 -13.29 16.16
C VAL A 200 -15.42 -13.50 16.27
N GLU A 201 -14.91 -13.51 17.50
CA GLU A 201 -13.44 -13.47 17.78
C GLU A 201 -12.89 -14.87 18.10
N TRP A 202 -11.72 -15.16 17.54
CA TRP A 202 -10.80 -16.24 17.99
C TRP A 202 -9.42 -15.62 18.14
N SER A 203 -9.11 -15.14 19.35
CA SER A 203 -7.99 -14.20 19.62
C SER A 203 -6.65 -14.81 19.17
N SER A 204 -6.45 -16.11 19.34
CA SER A 204 -5.17 -16.79 19.04
C SER A 204 -4.87 -16.75 17.55
N TRP A 205 -5.89 -16.66 16.68
CA TRP A 205 -5.75 -16.67 15.21
C TRP A 205 -5.73 -15.24 14.66
N THR A 206 -6.80 -14.47 14.92
CA THR A 206 -7.04 -13.15 14.27
C THR A 206 -7.18 -12.03 15.30
N GLY A 207 -6.80 -12.26 16.57
CA GLY A 207 -6.77 -11.25 17.64
C GLY A 207 -8.16 -10.78 18.07
N TRP A 208 -8.22 -9.58 18.64
CA TRP A 208 -9.36 -9.02 19.42
C TRP A 208 -10.19 -8.06 18.58
N GLN A 209 -9.72 -7.72 17.37
CA GLN A 209 -10.39 -6.69 16.54
C GLN A 209 -10.66 -7.24 15.14
N TYR A 210 -11.05 -8.51 15.04
CA TYR A 210 -11.41 -9.12 13.74
C TYR A 210 -12.55 -10.11 13.92
N SER A 211 -13.70 -9.77 13.33
CA SER A 211 -14.92 -10.60 13.36
C SER A 211 -14.85 -11.56 12.16
N LEU A 212 -14.76 -12.85 12.45
CA LEU A 212 -14.61 -13.92 11.44
C LEU A 212 -15.85 -13.98 10.52
N LYS A 213 -15.65 -14.52 9.32
CA LYS A 213 -16.71 -14.78 8.31
C LYS A 213 -17.52 -16.02 8.70
N PHE A 214 -16.84 -17.07 9.11
CA PHE A 214 -17.44 -18.41 9.29
C PHE A 214 -16.85 -19.05 10.54
N SER A 215 -17.72 -19.66 11.33
CA SER A 215 -17.34 -20.57 12.44
C SER A 215 -18.30 -21.75 12.38
N GLU A 216 -17.78 -22.93 12.69
CA GLU A 216 -18.58 -24.14 12.95
C GLU A 216 -17.96 -24.86 14.14
N MET A 217 -18.79 -25.17 15.15
CA MET A 217 -18.39 -25.93 16.35
C MET A 217 -19.15 -27.24 16.28
N LYS A 218 -18.43 -28.35 16.41
CA LYS A 218 -18.98 -29.68 16.12
C LYS A 218 -18.24 -30.72 16.95
N ILE A 219 -18.92 -31.84 17.23
CA ILE A 219 -18.43 -32.84 18.21
C ILE A 219 -18.51 -34.23 17.58
N ARG A 220 -17.64 -35.10 18.06
CA ARG A 220 -17.53 -36.51 17.60
C ARG A 220 -17.03 -37.31 18.80
N PRO A 221 -17.56 -38.53 19.03
CA PRO A 221 -17.04 -39.40 20.08
C PRO A 221 -15.58 -39.77 19.80
N VAL A 222 -14.75 -39.85 20.84
CA VAL A 222 -13.35 -40.37 20.75
C VAL A 222 -13.34 -41.84 21.15
N SER B 4 10.31 4.11 -34.78
CA SER B 4 8.91 4.63 -34.90
C SER B 4 8.69 5.79 -33.91
N ARG B 5 8.84 5.51 -32.60
CA ARG B 5 8.64 6.50 -31.51
C ARG B 5 9.86 6.52 -30.58
N PRO B 6 10.99 7.07 -31.04
CA PRO B 6 12.16 7.30 -30.17
C PRO B 6 11.76 8.24 -29.03
N ARG B 7 12.24 7.98 -27.81
CA ARG B 7 11.86 8.78 -26.62
C ARG B 7 12.83 9.96 -26.46
N ASP B 8 13.98 9.93 -27.15
CA ASP B 8 15.05 10.94 -27.04
C ASP B 8 16.06 10.72 -28.17
N CYS B 9 17.09 11.55 -28.22
CA CYS B 9 18.11 11.51 -29.28
C CYS B 9 18.94 10.23 -29.19
N LEU B 10 19.03 9.55 -28.03
CA LEU B 10 19.80 8.28 -27.98
C LEU B 10 19.02 7.21 -28.77
N ASP B 11 17.69 7.14 -28.61
CA ASP B 11 16.82 6.24 -29.41
C ASP B 11 17.01 6.57 -30.91
N VAL B 12 17.09 7.85 -31.25
CA VAL B 12 17.23 8.29 -32.66
C VAL B 12 18.54 7.72 -33.18
N LEU B 13 19.64 7.93 -32.45
CA LEU B 13 20.97 7.44 -32.87
C LEU B 13 20.93 5.91 -33.02
N LEU B 14 20.43 5.20 -32.00
CA LEU B 14 20.44 3.72 -31.97
C LEU B 14 19.59 3.17 -33.12
N SER B 15 18.58 3.91 -33.58
CA SER B 15 17.71 3.52 -34.73
C SER B 15 18.49 3.63 -36.05
N GLY B 16 19.65 4.29 -36.07
CA GLY B 16 20.52 4.38 -37.27
C GLY B 16 20.63 5.78 -37.84
N GLN B 17 20.11 6.81 -37.17
CA GLN B 17 20.25 8.23 -37.60
C GLN B 17 21.52 8.80 -36.99
N GLN B 18 22.56 8.96 -37.81
CA GLN B 18 23.93 9.34 -37.35
C GLN B 18 24.18 10.85 -37.49
N ASP B 19 23.37 11.59 -38.25
CA ASP B 19 23.63 13.03 -38.56
C ASP B 19 23.06 13.89 -37.42
N ASP B 20 23.85 14.87 -36.99
CA ASP B 20 23.38 16.01 -36.14
C ASP B 20 22.17 16.63 -36.82
N GLY B 21 21.19 17.08 -36.07
CA GLY B 21 20.09 17.87 -36.66
C GLY B 21 18.80 17.68 -35.89
N VAL B 22 17.70 18.04 -36.55
CA VAL B 22 16.38 18.14 -35.87
C VAL B 22 15.65 16.82 -36.08
N TYR B 23 15.16 16.23 -34.99
CA TYR B 23 14.41 14.97 -35.00
C TYR B 23 13.21 15.08 -34.05
N SER B 24 12.17 14.33 -34.39
CA SER B 24 10.97 14.08 -33.54
C SER B 24 11.30 13.08 -32.44
N VAL B 25 10.91 13.38 -31.21
CA VAL B 25 11.01 12.46 -30.04
C VAL B 25 9.67 12.44 -29.33
N PHE B 26 9.43 11.38 -28.56
CA PHE B 26 8.10 11.09 -27.97
C PHE B 26 8.31 10.62 -26.55
N PRO B 27 8.49 11.54 -25.59
CA PRO B 27 8.67 11.16 -24.20
C PRO B 27 7.43 10.44 -23.65
N THR B 28 7.69 9.59 -22.66
CA THR B 28 6.68 8.77 -21.95
C THR B 28 5.40 9.54 -21.61
N HIS B 29 5.48 10.68 -20.93
CA HIS B 29 4.27 11.44 -20.50
C HIS B 29 4.00 12.66 -21.41
N TYR B 30 4.58 12.71 -22.61
CA TYR B 30 4.37 13.77 -23.62
C TYR B 30 4.19 13.11 -24.98
N PRO B 31 3.18 12.24 -25.15
CA PRO B 31 3.10 11.33 -26.29
C PRO B 31 2.81 12.01 -27.64
N ALA B 32 2.30 13.24 -27.65
CA ALA B 32 2.24 14.09 -28.85
C ALA B 32 3.67 14.20 -29.43
N GLY B 33 4.67 14.28 -28.54
CA GLY B 33 6.07 14.46 -28.95
C GLY B 33 6.34 15.88 -29.39
N PHE B 34 7.58 16.15 -29.76
CA PHE B 34 8.08 17.47 -30.19
C PHE B 34 9.40 17.26 -30.91
N GLN B 35 9.88 18.30 -31.59
CA GLN B 35 11.17 18.23 -32.31
C GLN B 35 12.26 18.78 -31.37
N VAL B 36 13.46 18.21 -31.48
CA VAL B 36 14.68 18.60 -30.70
C VAL B 36 15.87 18.64 -31.66
N TYR B 37 16.95 19.31 -31.27
CA TYR B 37 18.25 19.21 -31.96
C TYR B 37 19.03 18.08 -31.30
N CYS B 38 19.49 17.12 -32.09
CA CYS B 38 20.30 15.96 -31.62
C CYS B 38 21.78 16.19 -31.96
N ASP B 39 22.63 16.11 -30.94
CA ASP B 39 24.10 16.06 -31.07
C ASP B 39 24.48 14.58 -31.17
N MET B 40 24.89 14.15 -32.36
CA MET B 40 25.25 12.73 -32.62
C MET B 40 26.78 12.52 -32.63
N ARG B 41 27.56 13.48 -32.15
CA ARG B 41 29.05 13.44 -32.20
C ARG B 41 29.63 13.34 -30.78
N THR B 42 29.20 14.19 -29.86
CA THR B 42 29.80 14.36 -28.52
C THR B 42 29.81 13.02 -27.78
N ASP B 43 31.02 12.52 -27.47
CA ASP B 43 31.22 11.31 -26.63
C ASP B 43 30.37 10.14 -27.13
N GLY B 44 30.38 9.91 -28.44
CA GLY B 44 29.65 8.79 -29.08
C GLY B 44 28.24 9.17 -29.56
N GLY B 45 27.71 10.32 -29.11
CA GLY B 45 26.46 10.89 -29.62
C GLY B 45 25.21 10.48 -28.84
N GLY B 46 24.04 10.93 -29.29
CA GLY B 46 22.75 10.61 -28.65
C GLY B 46 22.36 11.66 -27.63
N TRP B 47 22.86 12.89 -27.78
CA TRP B 47 22.54 13.98 -26.82
C TRP B 47 21.33 14.78 -27.32
N THR B 48 20.38 14.99 -26.42
CA THR B 48 19.19 15.87 -26.66
C THR B 48 19.51 17.28 -26.14
N VAL B 49 19.69 18.24 -27.03
CA VAL B 49 19.96 19.67 -26.68
C VAL B 49 18.68 20.29 -26.10
N PHE B 50 18.81 21.12 -25.06
CA PHE B 50 17.69 21.95 -24.56
C PHE B 50 18.08 23.43 -24.43
N GLN B 51 19.36 23.76 -24.57
CA GLN B 51 19.84 25.17 -24.52
C GLN B 51 21.00 25.34 -25.50
N ARG B 52 21.03 26.48 -26.18
CA ARG B 52 22.17 26.90 -27.03
C ARG B 52 22.27 28.42 -27.03
N ARG B 53 23.47 28.92 -26.71
CA ARG B 53 23.93 30.30 -26.98
C ARG B 53 25.04 30.20 -28.01
N GLU B 54 25.10 31.14 -28.95
CA GLU B 54 26.18 31.12 -29.98
C GLU B 54 26.40 32.48 -30.65
N ASP B 55 25.51 33.47 -30.55
CA ASP B 55 25.64 34.71 -31.36
C ASP B 55 24.86 35.89 -30.78
N GLY B 56 24.08 35.72 -29.69
CA GLY B 56 23.30 36.80 -29.07
C GLY B 56 22.12 37.26 -29.94
N SER B 57 21.69 36.45 -30.90
CA SER B 57 20.58 36.78 -31.83
C SER B 57 19.22 36.67 -31.11
N VAL B 58 19.16 35.91 -30.03
CA VAL B 58 17.86 35.60 -29.35
C VAL B 58 17.86 36.22 -27.95
N ASN B 59 16.75 36.86 -27.59
CA ASN B 59 16.55 37.49 -26.26
C ASN B 59 16.29 36.36 -25.24
N PHE B 60 17.18 36.19 -24.26
CA PHE B 60 17.04 35.16 -23.20
C PHE B 60 16.48 35.78 -21.93
N PHE B 61 16.29 37.10 -21.89
CA PHE B 61 15.74 37.78 -20.69
C PHE B 61 14.21 37.75 -20.78
N ARG B 62 13.66 36.56 -20.58
CA ARG B 62 12.26 36.18 -20.88
C ARG B 62 11.60 35.75 -19.56
N GLY B 63 10.28 35.76 -19.56
CA GLY B 63 9.45 35.50 -18.37
C GLY B 63 9.22 34.03 -18.14
N TRP B 64 8.44 33.75 -17.10
CA TRP B 64 8.06 32.39 -16.65
C TRP B 64 7.46 31.59 -17.81
N ASP B 65 6.46 32.13 -18.51
CA ASP B 65 5.72 31.37 -19.56
C ASP B 65 6.70 30.94 -20.66
N ALA B 66 7.59 31.85 -21.08
CA ALA B 66 8.58 31.60 -22.14
C ALA B 66 9.59 30.51 -21.72
N TYR B 67 10.04 30.51 -20.45
CA TYR B 67 10.98 29.47 -19.94
C TYR B 67 10.24 28.15 -19.74
N ARG B 68 8.93 28.18 -19.49
CA ARG B 68 8.11 26.95 -19.40
C ARG B 68 7.94 26.36 -20.81
N ASP B 69 7.56 27.17 -21.80
CA ASP B 69 7.08 26.67 -23.13
C ASP B 69 8.21 26.64 -24.14
N GLY B 70 9.31 27.36 -23.87
CA GLY B 70 10.49 27.42 -24.76
C GLY B 70 10.40 28.56 -25.75
N PHE B 71 11.52 28.84 -26.39
CA PHE B 71 11.66 29.99 -27.31
C PHE B 71 12.90 29.80 -28.17
N GLY B 72 13.00 30.61 -29.22
CA GLY B 72 14.12 30.56 -30.17
C GLY B 72 13.89 29.46 -31.19
N ARG B 73 14.95 29.02 -31.83
CA ARG B 73 14.89 28.08 -32.99
C ARG B 73 15.87 26.94 -32.76
N LEU B 74 15.42 25.73 -33.07
CA LEU B 74 16.18 24.48 -32.81
C LEU B 74 17.51 24.52 -33.55
N THR B 75 17.56 25.21 -34.69
CA THR B 75 18.75 25.30 -35.59
C THR B 75 19.69 26.43 -35.13
N GLY B 76 19.30 27.20 -34.12
CA GLY B 76 20.13 28.29 -33.59
C GLY B 76 20.03 28.38 -32.09
N GLU B 77 20.01 29.60 -31.57
CA GLU B 77 19.92 29.86 -30.12
C GLU B 77 18.52 29.49 -29.67
N HIS B 78 18.40 28.78 -28.55
CA HIS B 78 17.06 28.39 -28.07
C HIS B 78 17.12 27.86 -26.64
N TRP B 79 15.92 27.78 -26.08
CA TRP B 79 15.59 27.13 -24.80
C TRP B 79 14.41 26.20 -25.08
N LEU B 80 14.56 24.89 -24.85
CA LEU B 80 13.56 23.87 -25.27
C LEU B 80 12.26 24.03 -24.46
N GLY B 81 12.36 24.58 -23.25
CA GLY B 81 11.22 24.77 -22.34
C GLY B 81 11.23 23.75 -21.22
N LEU B 82 11.01 24.21 -20.00
CA LEU B 82 11.05 23.37 -18.79
C LEU B 82 10.00 22.26 -18.85
N LYS B 83 8.85 22.49 -19.51
CA LYS B 83 7.81 21.43 -19.62
C LYS B 83 8.41 20.25 -20.42
N ARG B 84 9.18 20.53 -21.46
CA ARG B 84 9.84 19.49 -22.31
C ARG B 84 11.03 18.88 -21.56
N ILE B 85 11.81 19.68 -20.84
CA ILE B 85 13.00 19.14 -20.11
C ILE B 85 12.50 18.20 -18.99
N HIS B 86 11.39 18.56 -18.33
CA HIS B 86 10.73 17.71 -17.30
C HIS B 86 10.27 16.39 -17.92
N ALA B 87 9.58 16.44 -19.06
CA ALA B 87 9.06 15.25 -19.79
C ALA B 87 10.20 14.29 -20.12
N LEU B 88 11.34 14.82 -20.57
CA LEU B 88 12.53 14.01 -20.92
C LEU B 88 13.18 13.45 -19.66
N THR B 89 13.50 14.29 -18.68
CA THR B 89 14.39 13.87 -17.54
C THR B 89 13.62 12.98 -16.54
N THR B 90 12.30 12.93 -16.60
CA THR B 90 11.52 12.05 -15.68
C THR B 90 11.34 10.64 -16.26
N GLN B 91 11.62 10.40 -17.55
CA GLN B 91 11.27 9.11 -18.20
C GLN B 91 12.40 8.10 -18.03
N ALA B 92 13.57 8.55 -17.57
CA ALA B 92 14.76 7.69 -17.34
C ALA B 92 15.77 8.49 -16.51
N ALA B 93 16.93 7.92 -16.22
CA ALA B 93 18.04 8.61 -15.50
C ALA B 93 18.96 9.26 -16.54
N TYR B 94 19.01 10.58 -16.58
CA TYR B 94 19.82 11.30 -17.59
C TYR B 94 21.08 11.88 -16.95
N GLU B 95 22.13 11.98 -17.75
CA GLU B 95 23.31 12.81 -17.49
C GLU B 95 23.17 14.11 -18.30
N LEU B 96 23.81 15.18 -17.80
CA LEU B 96 23.89 16.51 -18.41
C LEU B 96 25.30 16.75 -18.93
N HIS B 97 25.40 17.21 -20.18
CA HIS B 97 26.67 17.70 -20.77
C HIS B 97 26.52 19.19 -21.05
N VAL B 98 27.49 19.98 -20.56
CA VAL B 98 27.56 21.44 -20.87
C VAL B 98 28.83 21.70 -21.68
N ASP B 99 28.69 22.07 -22.95
CA ASP B 99 29.82 22.53 -23.82
C ASP B 99 29.95 24.06 -23.73
N LEU B 100 31.17 24.55 -23.50
CA LEU B 100 31.47 26.01 -23.38
C LEU B 100 32.61 26.40 -24.33
N GLU B 101 32.54 27.61 -24.87
CA GLU B 101 33.62 28.20 -25.70
C GLU B 101 33.73 29.69 -25.39
N ASP B 102 34.95 30.19 -25.24
CA ASP B 102 35.26 31.63 -25.03
C ASP B 102 35.50 32.25 -26.42
N PHE B 103 35.85 33.54 -26.47
CA PHE B 103 36.11 34.25 -27.75
C PHE B 103 37.59 34.09 -28.17
N GLU B 104 38.36 33.27 -27.47
CA GLU B 104 39.82 33.11 -27.66
C GLU B 104 40.12 31.67 -28.10
N ASN B 105 39.15 31.01 -28.73
CA ASN B 105 39.26 29.63 -29.29
C ASN B 105 39.39 28.58 -28.18
N GLY B 106 39.21 28.97 -26.90
CA GLY B 106 39.20 28.03 -25.76
C GLY B 106 37.86 27.31 -25.65
N THR B 107 37.90 26.02 -25.31
CA THR B 107 36.71 25.15 -25.08
C THR B 107 36.87 24.41 -23.74
N ALA B 108 35.76 24.08 -23.13
CA ALA B 108 35.71 23.32 -21.86
C ALA B 108 34.31 22.74 -21.71
N TYR B 109 34.13 21.82 -20.80
CA TYR B 109 32.84 21.12 -20.63
C TYR B 109 32.73 20.71 -19.16
N ALA B 110 31.49 20.54 -18.76
CA ALA B 110 31.08 20.00 -17.45
C ALA B 110 30.09 18.87 -17.71
N ARG B 111 30.28 17.74 -17.02
CA ARG B 111 29.41 16.55 -17.12
C ARG B 111 28.86 16.24 -15.73
N TYR B 112 27.55 16.02 -15.65
CA TYR B 112 26.83 15.68 -14.41
C TYR B 112 26.14 14.33 -14.63
N GLY B 113 26.60 13.31 -13.89
CA GLY B 113 26.09 11.93 -14.00
C GLY B 113 24.63 11.81 -13.66
N SER B 114 24.06 12.78 -12.96
CA SER B 114 22.61 12.84 -12.67
C SER B 114 22.09 14.26 -12.93
N PHE B 115 20.94 14.35 -13.59
CA PHE B 115 20.30 15.64 -13.91
C PHE B 115 18.80 15.43 -14.15
N GLY B 116 17.99 16.32 -13.60
CA GLY B 116 16.55 16.35 -13.89
C GLY B 116 15.95 17.64 -13.41
N VAL B 117 14.75 17.95 -13.87
CA VAL B 117 13.99 19.13 -13.37
C VAL B 117 12.62 18.63 -12.93
N GLY B 118 12.22 19.02 -11.72
CA GLY B 118 10.92 18.66 -11.09
C GLY B 118 10.72 17.15 -10.99
N LEU B 119 11.76 16.38 -10.70
CA LEU B 119 11.76 14.90 -10.88
C LEU B 119 10.62 14.18 -10.13
N PHE B 120 10.24 14.63 -8.94
CA PHE B 120 9.18 13.96 -8.14
C PHE B 120 8.03 14.93 -7.83
N SER B 121 7.99 16.07 -8.52
CA SER B 121 6.98 17.13 -8.32
C SER B 121 5.64 16.63 -8.87
N VAL B 122 4.56 16.68 -8.06
CA VAL B 122 3.20 16.36 -8.57
C VAL B 122 2.81 17.42 -9.60
N ASP B 123 3.09 18.69 -9.32
CA ASP B 123 2.88 19.80 -10.29
C ASP B 123 4.23 20.48 -10.50
N PRO B 124 5.00 20.03 -11.51
CA PRO B 124 6.35 20.54 -11.70
C PRO B 124 6.36 22.07 -11.94
N GLU B 125 5.37 22.61 -12.64
CA GLU B 125 5.29 24.09 -12.85
C GLU B 125 5.13 24.82 -11.51
N GLU B 126 4.18 24.40 -10.67
CA GLU B 126 3.92 25.06 -9.38
C GLU B 126 5.14 24.90 -8.48
N ASP B 127 5.77 23.73 -8.52
CA ASP B 127 6.93 23.42 -7.65
C ASP B 127 8.17 24.17 -8.16
N GLY B 128 8.09 24.79 -9.33
CA GLY B 128 9.17 25.65 -9.89
C GLY B 128 10.25 24.87 -10.61
N TYR B 129 9.95 23.69 -11.13
CA TYR B 129 10.90 22.83 -11.90
C TYR B 129 12.24 22.71 -11.17
N PRO B 130 12.26 22.27 -9.89
CA PRO B 130 13.51 22.25 -9.12
C PRO B 130 14.58 21.31 -9.70
N LEU B 131 15.83 21.74 -9.57
CA LEU B 131 17.01 21.09 -10.20
C LEU B 131 17.50 19.94 -9.32
N THR B 132 17.69 18.77 -9.95
CA THR B 132 18.51 17.63 -9.49
C THR B 132 19.78 17.65 -10.32
N VAL B 133 20.94 17.75 -9.68
CA VAL B 133 22.25 17.66 -10.36
C VAL B 133 23.27 17.06 -9.38
N ALA B 134 24.01 16.06 -9.82
CA ALA B 134 25.03 15.34 -9.01
C ALA B 134 26.12 14.78 -9.92
N ASP B 135 27.27 14.47 -9.31
CA ASP B 135 28.36 13.64 -9.92
C ASP B 135 29.03 14.43 -11.04
N TYR B 136 29.66 15.52 -10.66
CA TYR B 136 30.41 16.42 -11.55
C TYR B 136 31.71 15.73 -12.04
N SER B 137 32.03 15.95 -13.30
CA SER B 137 33.41 15.82 -13.84
C SER B 137 33.52 16.76 -15.04
N GLY B 138 34.73 17.15 -15.40
CA GLY B 138 34.98 17.92 -16.64
C GLY B 138 36.10 18.90 -16.48
N THR B 139 36.33 19.70 -17.53
CA THR B 139 37.46 20.64 -17.65
C THR B 139 37.04 22.06 -17.29
N ALA B 140 35.75 22.38 -17.31
CA ALA B 140 35.24 23.76 -17.12
C ALA B 140 35.20 24.10 -15.61
N GLY B 141 35.28 23.09 -14.74
CA GLY B 141 34.96 23.24 -13.31
C GLY B 141 33.47 23.08 -13.04
N ASP B 142 33.12 22.79 -11.81
CA ASP B 142 31.71 22.70 -11.38
C ASP B 142 31.18 24.12 -11.08
N SER B 143 30.14 24.56 -11.79
CA SER B 143 29.42 25.83 -11.46
C SER B 143 27.91 25.56 -11.33
N LEU B 144 27.50 24.31 -11.09
CA LEU B 144 26.06 23.93 -11.05
C LEU B 144 25.67 23.22 -9.74
N LEU B 145 26.59 22.53 -9.04
CA LEU B 145 26.19 21.70 -7.86
C LEU B 145 25.56 22.55 -6.75
N LYS B 146 25.99 23.79 -6.55
CA LYS B 146 25.43 24.65 -5.49
C LYS B 146 24.02 25.11 -5.88
N HIS B 147 23.59 24.90 -7.14
CA HIS B 147 22.22 25.19 -7.60
C HIS B 147 21.30 23.98 -7.35
N SER B 148 21.86 22.82 -7.01
CA SER B 148 21.11 21.58 -6.71
C SER B 148 19.99 21.89 -5.71
N GLY B 149 18.75 21.49 -6.04
CA GLY B 149 17.59 21.66 -5.16
C GLY B 149 16.91 23.02 -5.31
N MET B 150 17.46 23.95 -6.08
CA MET B 150 16.85 25.30 -6.23
C MET B 150 15.71 25.20 -7.27
N ARG B 151 14.65 25.98 -7.06
CA ARG B 151 13.58 26.18 -8.04
C ARG B 151 14.12 27.09 -9.16
N PHE B 152 13.42 27.13 -10.28
CA PHE B 152 13.76 27.98 -11.43
C PHE B 152 13.14 29.35 -11.16
N THR B 153 13.89 30.42 -11.40
CA THR B 153 13.47 31.82 -11.10
C THR B 153 13.63 32.64 -12.38
N THR B 154 12.63 33.47 -12.69
CA THR B 154 12.59 34.38 -13.84
C THR B 154 12.30 35.77 -13.28
N LYS B 155 12.44 36.79 -14.11
CA LYS B 155 12.19 38.21 -13.78
C LYS B 155 10.78 38.39 -13.19
N ASP B 156 9.81 37.54 -13.55
CA ASP B 156 8.39 37.69 -13.13
C ASP B 156 7.95 36.57 -12.16
N ARG B 157 8.86 35.71 -11.67
CA ARG B 157 8.49 34.64 -10.69
C ARG B 157 9.71 34.28 -9.85
N ASP B 158 9.75 34.81 -8.63
CA ASP B 158 10.90 34.74 -7.69
C ASP B 158 10.72 33.54 -6.75
N SER B 159 11.58 32.51 -6.86
CA SER B 159 11.64 31.36 -5.91
C SER B 159 13.07 31.16 -5.42
N ASP B 160 13.92 32.19 -5.48
CA ASP B 160 15.35 32.12 -5.09
C ASP B 160 15.48 32.43 -3.59
N HIS B 161 16.71 32.44 -3.08
CA HIS B 161 17.02 32.62 -1.63
C HIS B 161 17.60 34.02 -1.39
N SER B 162 17.37 34.96 -2.30
CA SER B 162 17.82 36.38 -2.19
C SER B 162 16.65 37.27 -1.80
N GLU B 163 16.92 38.37 -1.09
CA GLU B 163 15.96 39.46 -0.79
C GLU B 163 15.44 40.09 -2.08
N ASN B 164 16.25 40.14 -3.13
CA ASN B 164 15.82 40.65 -4.46
C ASN B 164 15.53 39.48 -5.40
N ASN B 165 15.25 39.79 -6.67
CA ASN B 165 15.01 38.78 -7.72
C ASN B 165 16.33 38.58 -8.47
N CYS B 166 16.97 37.42 -8.29
CA CYS B 166 18.28 37.07 -8.90
C CYS B 166 18.19 37.21 -10.43
N ALA B 167 17.08 36.78 -11.03
CA ALA B 167 16.84 36.83 -12.48
C ALA B 167 16.90 38.29 -12.96
N ALA B 168 16.16 39.18 -12.31
CA ALA B 168 16.19 40.63 -12.58
C ALA B 168 17.63 41.13 -12.41
N PHE B 169 18.25 40.80 -11.28
CA PHE B 169 19.58 41.36 -10.90
C PHE B 169 20.65 40.97 -11.92
N TYR B 170 20.70 39.69 -12.32
CA TYR B 170 21.77 39.16 -13.20
C TYR B 170 21.20 38.89 -14.60
N ARG B 171 20.07 39.51 -14.95
CA ARG B 171 19.53 39.58 -16.34
C ARG B 171 19.56 38.19 -17.00
N GLY B 172 18.99 37.21 -16.32
CA GLY B 172 18.83 35.84 -16.82
C GLY B 172 17.64 35.12 -16.25
N ALA B 173 17.73 33.80 -16.24
CA ALA B 173 16.73 32.84 -15.78
C ALA B 173 17.48 31.55 -15.46
N TRP B 174 17.29 31.03 -14.25
CA TRP B 174 18.16 29.95 -13.71
C TRP B 174 17.56 29.41 -12.41
N TRP B 175 18.16 28.33 -11.94
CA TRP B 175 17.87 27.75 -10.60
C TRP B 175 18.66 28.55 -9.57
N TYR B 176 18.33 29.83 -9.41
CA TYR B 176 19.13 30.78 -8.57
C TYR B 176 19.04 30.43 -7.08
N ARG B 177 20.16 30.60 -6.37
CA ARG B 177 20.19 30.53 -4.89
C ARG B 177 20.32 31.98 -4.37
N ASN B 178 21.54 32.47 -4.16
CA ASN B 178 21.77 33.86 -3.70
C ASN B 178 23.17 34.31 -4.12
N CYS B 179 23.45 34.37 -5.43
CA CYS B 179 22.50 34.11 -6.50
C CYS B 179 22.98 32.96 -7.41
N HIS B 180 24.21 33.02 -7.95
CA HIS B 180 24.66 31.99 -8.91
C HIS B 180 26.18 31.78 -8.93
N THR B 181 26.57 30.60 -9.40
CA THR B 181 27.93 30.29 -9.91
C THR B 181 27.87 30.08 -11.42
N SER B 182 26.67 29.89 -12.00
CA SER B 182 26.44 29.78 -13.47
C SER B 182 25.19 30.59 -13.87
N ASN B 183 25.20 31.11 -15.09
CA ASN B 183 24.15 32.03 -15.60
C ASN B 183 24.11 31.92 -17.12
N LEU B 184 23.92 30.71 -17.67
CA LEU B 184 24.09 30.50 -19.12
C LEU B 184 22.91 31.11 -19.91
N ASN B 185 21.84 31.53 -19.23
CA ASN B 185 20.69 32.22 -19.90
C ASN B 185 20.81 33.74 -19.71
N GLY B 186 21.99 34.24 -19.28
CA GLY B 186 22.21 35.68 -19.06
C GLY B 186 22.46 36.43 -20.36
N GLN B 187 22.72 37.73 -20.27
CA GLN B 187 22.89 38.61 -21.47
C GLN B 187 24.13 38.20 -22.27
N TYR B 188 24.04 38.26 -23.60
CA TYR B 188 25.17 37.94 -24.50
C TYR B 188 26.11 39.16 -24.59
N LEU B 189 26.99 39.34 -23.62
CA LEU B 189 27.78 40.60 -23.47
C LEU B 189 29.09 40.51 -24.26
N ARG B 190 29.45 39.32 -24.78
CA ARG B 190 30.61 39.10 -25.69
C ARG B 190 31.95 39.32 -24.97
N GLY B 191 32.38 38.36 -24.15
CA GLY B 191 33.70 38.36 -23.49
C GLY B 191 33.72 39.27 -22.28
N ALA B 192 34.87 39.89 -21.98
CA ALA B 192 35.10 40.73 -20.78
C ALA B 192 34.04 41.83 -20.72
N HIS B 193 33.38 42.00 -19.59
CA HIS B 193 32.40 43.08 -19.37
C HIS B 193 32.61 43.71 -17.99
N ALA B 194 32.27 44.99 -17.85
CA ALA B 194 32.49 45.78 -16.60
C ALA B 194 31.42 45.39 -15.55
N SER B 195 30.18 45.15 -15.96
CA SER B 195 29.06 44.75 -15.07
C SER B 195 29.38 43.40 -14.41
N TYR B 196 28.81 43.11 -13.24
CA TYR B 196 29.11 41.90 -12.45
C TYR B 196 28.11 40.78 -12.76
N ALA B 197 28.58 39.70 -13.40
CA ALA B 197 27.97 38.35 -13.36
C ALA B 197 26.61 38.33 -14.06
N ASP B 198 26.35 39.24 -15.00
CA ASP B 198 25.02 39.37 -15.65
C ASP B 198 25.13 38.95 -17.12
N GLY B 199 26.24 38.29 -17.48
CA GLY B 199 26.50 37.75 -18.82
C GLY B 199 26.26 36.25 -18.86
N VAL B 200 26.71 35.60 -19.93
CA VAL B 200 26.69 34.11 -20.05
C VAL B 200 27.89 33.59 -19.25
N GLU B 201 27.71 33.40 -17.94
CA GLU B 201 28.84 33.16 -17.00
C GLU B 201 28.89 31.69 -16.62
N TRP B 202 30.11 31.15 -16.56
CA TRP B 202 30.41 29.84 -15.92
C TRP B 202 31.60 30.10 -15.01
N SER B 203 31.30 30.54 -13.78
CA SER B 203 32.25 31.23 -12.86
C SER B 203 33.49 30.37 -12.65
N SER B 204 33.38 29.04 -12.64
CA SER B 204 34.51 28.12 -12.32
C SER B 204 35.52 28.12 -13.47
N TRP B 205 35.12 28.46 -14.69
CA TRP B 205 36.05 28.47 -15.85
C TRP B 205 36.55 29.89 -16.12
N THR B 206 35.66 30.83 -16.39
CA THR B 206 36.01 32.18 -16.93
C THR B 206 35.61 33.27 -15.94
N GLY B 207 35.22 32.91 -14.71
CA GLY B 207 34.93 33.88 -13.64
C GLY B 207 33.61 34.61 -13.82
N TRP B 208 33.52 35.80 -13.24
CA TRP B 208 32.25 36.53 -12.96
C TRP B 208 32.02 37.64 -13.98
N GLN B 209 33.01 37.97 -14.81
CA GLN B 209 32.92 39.14 -15.72
C GLN B 209 33.42 38.76 -17.10
N TYR B 210 33.06 37.56 -17.58
CA TYR B 210 33.36 37.08 -18.95
C TYR B 210 32.14 36.35 -19.50
N SER B 211 31.47 36.97 -20.47
CA SER B 211 30.29 36.41 -21.18
C SER B 211 30.77 35.48 -22.30
N LEU B 212 30.47 34.19 -22.18
CA LEU B 212 30.95 33.15 -23.12
C LEU B 212 30.39 33.36 -24.52
N LYS B 213 31.09 32.80 -25.52
CA LYS B 213 30.72 32.86 -26.95
C LYS B 213 29.65 31.81 -27.22
N PHE B 214 29.83 30.62 -26.64
CA PHE B 214 29.03 29.42 -26.98
C PHE B 214 28.75 28.63 -25.71
N SER B 215 27.50 28.22 -25.56
CA SER B 215 27.07 27.19 -24.57
C SER B 215 26.03 26.28 -25.22
N GLU B 216 26.11 25.00 -24.88
CA GLU B 216 25.09 24.00 -25.24
C GLU B 216 24.89 23.12 -24.01
N MET B 217 23.65 22.97 -23.59
CA MET B 217 23.22 22.07 -22.50
C MET B 217 22.42 20.93 -23.13
N LYS B 218 22.84 19.70 -22.84
CA LYS B 218 22.29 18.52 -23.54
C LYS B 218 22.26 17.33 -22.57
N ILE B 219 21.36 16.38 -22.83
CA ILE B 219 21.11 15.23 -21.92
C ILE B 219 21.17 13.93 -22.72
N ARG B 220 21.49 12.86 -22.00
CA ARG B 220 21.57 11.48 -22.54
C ARG B 220 21.30 10.52 -21.39
N PRO B 221 20.51 9.46 -21.61
CA PRO B 221 20.23 8.47 -20.57
C PRO B 221 21.51 7.77 -20.10
N VAL B 222 21.65 7.52 -18.80
CA VAL B 222 22.71 6.63 -18.23
C VAL B 222 22.20 5.18 -18.23
#